data_7V1F
#
_entry.id   7V1F
#
_cell.length_a   34.797
_cell.length_b   88.059
_cell.length_c   42.664
_cell.angle_alpha   90.000
_cell.angle_beta   90.750
_cell.angle_gamma   90.000
#
_symmetry.space_group_name_H-M   'P 1 21 1'
#
loop_
_entity.id
_entity.type
_entity.pdbx_description
1 polymer 'Core protein'
2 non-polymer "GUANOSINE-5'-TRIPHOSPHATE"
3 non-polymer GLYCEROL
4 non-polymer S-ADENOSYLMETHIONINE
5 non-polymer 'MANGANESE (II) ION'
6 water water
#
_entity_poly.entity_id   1
_entity_poly.type   'polypeptide(L)'
_entity_poly.pdbx_seq_one_letter_code
;MTLGDLWKRRLNNCTKEEFFAYRRTGILETERDKARELLRKGETNMGLAVSRGTAKLAWLEERGYVNLKGEVVDLGCGRG
GWSYYAASRPAVMGVKAYTIGGKGHEAPKMVTSLGWNLIKFRAGMDVFTMQPHRADTVMCDIGESSPDAAIEGERTRKVI
LLMEQWKNRNPSASCVFKVLAPYRPEVIEALHRFQLQWGGGLVRTPFSRNSTHEMYYSTAISGNIVNSVNVQSRKLLARF
GDQRGPIRVPEMDLGVGTRHHHHHH
;
_entity_poly.pdbx_strand_id   A
#
# COMPACT_ATOMS: atom_id res chain seq x y z
N MET A 1 18.99 12.86 13.23
CA MET A 1 18.95 11.97 12.08
C MET A 1 18.76 10.52 12.53
N THR A 2 17.78 9.83 11.95
CA THR A 2 17.49 8.45 12.31
C THR A 2 18.21 7.48 11.37
N LEU A 3 18.12 6.18 11.67
CA LEU A 3 18.63 5.18 10.74
C LEU A 3 18.00 5.34 9.37
N GLY A 4 16.67 5.50 9.33
CA GLY A 4 15.99 5.67 8.06
C GLY A 4 16.43 6.92 7.32
N ASP A 5 16.65 8.03 8.04
CA ASP A 5 17.17 9.25 7.39
C ASP A 5 18.52 8.99 6.71
N LEU A 6 19.38 8.19 7.34
CA LEU A 6 20.65 7.88 6.70
C LEU A 6 20.44 6.95 5.51
N TRP A 7 19.48 6.03 5.62
CA TRP A 7 19.12 5.20 4.48
C TRP A 7 18.72 6.07 3.29
N LYS A 8 17.88 7.08 3.54
CA LYS A 8 17.46 7.99 2.48
C LYS A 8 18.67 8.65 1.82
N ARG A 9 19.61 9.12 2.64
CA ARG A 9 20.79 9.83 2.13
C ARG A 9 21.70 8.92 1.34
N ARG A 10 21.96 7.71 1.84
CA ARG A 10 22.79 6.78 1.07
C ARG A 10 22.12 6.43 -0.25
N LEU A 11 20.79 6.26 -0.24
CA LEU A 11 20.06 6.00 -1.48
C LEU A 11 20.25 7.16 -2.47
N ASN A 12 20.12 8.40 -1.98
CA ASN A 12 20.29 9.55 -2.85
C ASN A 12 21.71 9.67 -3.39
N ASN A 13 22.71 9.15 -2.68
CA ASN A 13 24.09 9.25 -3.15
C ASN A 13 24.51 8.06 -4.02
N CYS A 14 23.62 7.13 -4.30
CA CYS A 14 23.90 6.06 -5.26
C CYS A 14 24.06 6.62 -6.67
N THR A 15 24.99 6.04 -7.44
CA THR A 15 24.92 6.24 -8.88
C THR A 15 23.67 5.56 -9.42
N LYS A 16 23.39 5.80 -10.69
CA LYS A 16 22.22 5.19 -11.31
C LYS A 16 22.35 3.67 -11.36
N GLU A 17 23.54 3.16 -11.70
CA GLU A 17 23.75 1.72 -11.65
C GLU A 17 23.52 1.17 -10.25
N GLU A 18 24.03 1.87 -9.23
CA GLU A 18 23.88 1.39 -7.85
C GLU A 18 22.42 1.37 -7.43
N PHE A 19 21.67 2.42 -7.81
CA PHE A 19 20.26 2.49 -7.49
C PHE A 19 19.50 1.28 -8.06
N PHE A 20 19.70 0.99 -9.35
CA PHE A 20 18.99 -0.12 -9.98
C PHE A 20 19.41 -1.46 -9.38
N ALA A 21 20.69 -1.60 -9.04
CA ALA A 21 21.13 -2.81 -8.37
C ALA A 21 20.48 -2.96 -7.00
N TYR A 22 20.27 -1.84 -6.30
CA TYR A 22 19.81 -1.90 -4.91
C TYR A 22 18.30 -2.07 -4.80
N ARG A 23 17.52 -1.51 -5.74
CA ARG A 23 16.10 -1.32 -5.47
C ARG A 23 15.35 -2.64 -5.40
N ARG A 24 15.83 -3.68 -6.08
CA ARG A 24 15.10 -4.94 -6.12
C ARG A 24 15.88 -6.11 -5.56
N THR A 25 17.02 -5.87 -4.93
CA THR A 25 17.83 -6.98 -4.44
C THR A 25 17.15 -7.61 -3.22
N GLY A 26 16.90 -8.92 -3.29
CA GLY A 26 16.34 -9.63 -2.16
C GLY A 26 14.85 -9.44 -1.93
N ILE A 27 14.13 -8.81 -2.84
CA ILE A 27 12.69 -8.63 -2.67
C ILE A 27 11.92 -9.66 -3.49
N LEU A 28 10.67 -9.88 -3.11
CA LEU A 28 9.75 -10.67 -3.94
C LEU A 28 9.18 -9.78 -5.02
N GLU A 29 9.07 -10.33 -6.22
CA GLU A 29 8.56 -9.60 -7.38
C GLU A 29 7.67 -10.54 -8.18
N THR A 30 6.41 -10.16 -8.38
CA THR A 30 5.53 -10.99 -9.17
C THR A 30 5.91 -10.91 -10.64
N GLU A 31 5.81 -12.04 -11.33
CA GLU A 31 6.03 -12.15 -12.77
C GLU A 31 4.77 -11.65 -13.47
N ARG A 32 4.85 -10.48 -14.10
CA ARG A 32 3.70 -9.83 -14.68
C ARG A 32 3.63 -9.97 -16.20
N ASP A 33 4.34 -10.94 -16.79
CA ASP A 33 4.41 -10.99 -18.25
C ASP A 33 3.03 -11.17 -18.89
N LYS A 34 2.24 -12.13 -18.39
CA LYS A 34 0.91 -12.35 -18.96
C LYS A 34 -0.04 -11.22 -18.62
N ALA A 35 -0.01 -10.74 -17.37
CA ALA A 35 -0.86 -9.62 -16.98
C ALA A 35 -0.59 -8.40 -17.85
N ARG A 36 0.70 -8.03 -18.01
CA ARG A 36 1.04 -6.87 -18.81
C ARG A 36 0.58 -7.03 -20.25
N GLU A 37 0.68 -8.25 -20.79
CA GLU A 37 0.29 -8.49 -22.18
C GLU A 37 -1.21 -8.32 -22.38
N LEU A 38 -2.01 -8.91 -21.47
CA LEU A 38 -3.45 -8.74 -21.56
C LEU A 38 -3.85 -7.28 -21.38
N LEU A 39 -3.23 -6.59 -20.43
CA LEU A 39 -3.57 -5.18 -20.22
C LEU A 39 -3.23 -4.36 -21.45
N ARG A 40 -2.08 -4.64 -22.09
CA ARG A 40 -1.70 -3.85 -23.25
C ARG A 40 -2.49 -4.22 -24.49
N LYS A 41 -3.04 -5.44 -24.54
CA LYS A 41 -3.97 -5.84 -25.59
C LYS A 41 -5.36 -5.27 -25.39
N GLY A 42 -5.69 -4.79 -24.18
CA GLY A 42 -7.02 -4.33 -23.92
C GLY A 42 -8.02 -5.43 -23.61
N GLU A 43 -7.53 -6.60 -23.22
CA GLU A 43 -8.38 -7.67 -22.70
C GLU A 43 -8.93 -7.27 -21.33
N THR A 44 -10.26 -7.35 -21.16
CA THR A 44 -10.85 -7.01 -19.87
C THR A 44 -11.26 -8.25 -19.06
N ASN A 45 -11.30 -9.43 -19.67
CA ASN A 45 -11.79 -10.61 -18.99
C ASN A 45 -10.59 -11.35 -18.40
N MET A 46 -10.13 -10.88 -17.24
CA MET A 46 -8.96 -11.46 -16.60
C MET A 46 -9.01 -11.20 -15.11
N GLY A 47 -8.53 -12.17 -14.33
CA GLY A 47 -8.36 -12.02 -12.91
C GLY A 47 -6.94 -11.72 -12.45
N LEU A 48 -5.97 -11.69 -13.37
CA LEU A 48 -4.61 -11.35 -12.96
C LEU A 48 -4.58 -9.93 -12.39
N ALA A 49 -3.68 -9.71 -11.44
CA ALA A 49 -3.55 -8.40 -10.80
C ALA A 49 -3.36 -7.29 -11.83
N VAL A 50 -4.11 -6.20 -11.65
CA VAL A 50 -3.93 -5.02 -12.50
C VAL A 50 -2.71 -4.21 -12.12
N SER A 51 -2.08 -4.52 -10.98
CA SER A 51 -0.91 -3.78 -10.51
C SER A 51 -0.18 -4.65 -9.49
N ARG A 52 1.03 -4.22 -9.15
CA ARG A 52 1.79 -4.92 -8.11
C ARG A 52 1.24 -4.65 -6.71
N GLY A 53 0.31 -3.71 -6.55
CA GLY A 53 -0.27 -3.49 -5.24
C GLY A 53 -1.13 -4.65 -4.78
N THR A 54 -1.65 -5.44 -5.71
CA THR A 54 -2.57 -6.51 -5.33
C THR A 54 -1.87 -7.55 -4.45
N ALA A 55 -0.64 -7.92 -4.81
CA ALA A 55 0.07 -8.92 -4.03
C ALA A 55 0.44 -8.41 -2.64
N LYS A 56 0.69 -7.11 -2.50
CA LYS A 56 0.99 -6.56 -1.18
C LYS A 56 -0.20 -6.73 -0.23
N LEU A 57 -1.41 -6.40 -0.70
CA LEU A 57 -2.56 -6.54 0.17
C LEU A 57 -2.91 -7.99 0.40
N ALA A 58 -2.78 -8.82 -0.64
CA ALA A 58 -2.96 -10.26 -0.48
C ALA A 58 -2.02 -10.81 0.59
N TRP A 59 -0.75 -10.40 0.57
CA TRP A 59 0.21 -10.86 1.57
C TRP A 59 -0.23 -10.47 2.98
N LEU A 60 -0.67 -9.21 3.16
CA LEU A 60 -1.16 -8.77 4.46
C LEU A 60 -2.38 -9.56 4.90
N GLU A 61 -3.28 -9.84 3.96
CA GLU A 61 -4.49 -10.58 4.33
C GLU A 61 -4.19 -12.05 4.63
N GLU A 62 -3.32 -12.68 3.82
CA GLU A 62 -3.04 -14.10 4.01
C GLU A 62 -2.21 -14.37 5.24
N ARG A 63 -1.46 -13.37 5.71
CA ARG A 63 -0.78 -13.45 6.99
C ARG A 63 -1.70 -13.21 8.16
N GLY A 64 -2.95 -12.82 7.92
CA GLY A 64 -3.81 -12.46 9.03
C GLY A 64 -3.53 -11.08 9.58
N TYR A 65 -2.97 -10.18 8.78
CA TYR A 65 -2.60 -8.85 9.27
C TYR A 65 -3.66 -7.79 9.04
N VAL A 66 -4.72 -8.08 8.30
CA VAL A 66 -5.76 -7.08 8.03
C VAL A 66 -7.11 -7.75 8.09
N ASN A 67 -8.13 -6.97 8.43
CA ASN A 67 -9.53 -7.40 8.36
C ASN A 67 -10.19 -6.65 7.23
N LEU A 68 -10.50 -7.34 6.15
CA LEU A 68 -11.21 -6.74 5.01
C LEU A 68 -12.65 -7.20 5.09
N LYS A 69 -13.57 -6.27 5.37
CA LYS A 69 -14.93 -6.73 5.64
C LYS A 69 -15.94 -5.62 5.41
N GLY A 70 -17.16 -6.02 5.06
CA GLY A 70 -18.28 -5.10 5.07
C GLY A 70 -18.20 -4.10 3.93
N GLU A 71 -18.53 -2.85 4.22
CA GLU A 71 -18.40 -1.78 3.24
C GLU A 71 -16.97 -1.24 3.29
N VAL A 72 -16.26 -1.42 2.18
CA VAL A 72 -14.83 -1.06 2.09
C VAL A 72 -14.69 0.24 1.31
N VAL A 73 -13.78 1.11 1.75
CA VAL A 73 -13.40 2.31 1.03
C VAL A 73 -11.93 2.21 0.64
N ASP A 74 -11.62 2.51 -0.61
CA ASP A 74 -10.23 2.48 -1.12
C ASP A 74 -9.84 3.92 -1.45
N LEU A 75 -9.04 4.55 -0.59
CA LEU A 75 -8.67 5.95 -0.76
C LEU A 75 -7.33 6.02 -1.49
N GLY A 76 -7.38 6.46 -2.75
CA GLY A 76 -6.19 6.47 -3.59
C GLY A 76 -6.03 5.13 -4.27
N CYS A 77 -7.05 4.70 -5.01
CA CYS A 77 -7.06 3.33 -5.52
C CYS A 77 -6.15 3.13 -6.72
N GLY A 78 -5.73 4.22 -7.38
CA GLY A 78 -4.88 4.07 -8.55
C GLY A 78 -5.53 3.14 -9.56
N ARG A 79 -4.76 2.18 -10.05
CA ARG A 79 -5.27 1.20 -11.01
C ARG A 79 -6.29 0.24 -10.42
N GLY A 80 -6.39 0.15 -9.10
CA GLY A 80 -7.42 -0.64 -8.48
C GLY A 80 -6.99 -1.98 -7.91
N GLY A 81 -5.69 -2.23 -7.82
CA GLY A 81 -5.23 -3.52 -7.36
C GLY A 81 -5.74 -3.90 -5.98
N TRP A 82 -5.87 -2.91 -5.08
CA TRP A 82 -6.42 -3.21 -3.76
C TRP A 82 -7.92 -3.36 -3.80
N SER A 83 -8.58 -2.57 -4.66
CA SER A 83 -10.02 -2.63 -4.79
C SER A 83 -10.47 -3.99 -5.30
N TYR A 84 -9.84 -4.46 -6.38
CA TYR A 84 -10.14 -5.79 -6.90
C TYR A 84 -9.86 -6.88 -5.88
N TYR A 85 -8.73 -6.79 -5.16
CA TYR A 85 -8.46 -7.80 -4.15
C TYR A 85 -9.55 -7.84 -3.08
N ALA A 86 -9.88 -6.67 -2.54
CA ALA A 86 -10.92 -6.59 -1.52
C ALA A 86 -12.25 -7.15 -2.02
N ALA A 87 -12.66 -6.79 -3.24
CA ALA A 87 -13.95 -7.22 -3.77
C ALA A 87 -14.01 -8.73 -3.99
N SER A 88 -12.87 -9.41 -4.02
CA SER A 88 -12.82 -10.86 -4.11
C SER A 88 -12.97 -11.56 -2.76
N ARG A 89 -12.94 -10.84 -1.65
N ARG A 89 -12.94 -10.84 -1.65
CA ARG A 89 -12.89 -11.47 -0.34
CA ARG A 89 -12.89 -11.47 -0.33
C ARG A 89 -14.30 -11.74 0.19
C ARG A 89 -14.30 -11.74 0.18
N PRO A 90 -14.49 -12.90 0.84
CA PRO A 90 -15.84 -13.28 1.31
C PRO A 90 -16.51 -12.26 2.21
N ALA A 91 -15.83 -11.73 3.22
CA ALA A 91 -16.49 -10.84 4.16
C ALA A 91 -16.75 -9.46 3.60
N VAL A 92 -16.37 -9.20 2.35
CA VAL A 92 -16.48 -7.86 1.78
C VAL A 92 -17.80 -7.75 1.01
N MET A 93 -18.54 -6.67 1.26
CA MET A 93 -19.85 -6.49 0.67
C MET A 93 -19.87 -5.47 -0.45
N GLY A 94 -19.01 -4.46 -0.39
CA GLY A 94 -18.87 -3.49 -1.47
C GLY A 94 -17.60 -2.69 -1.30
N VAL A 95 -17.13 -2.13 -2.41
CA VAL A 95 -15.95 -1.29 -2.44
C VAL A 95 -16.31 0.04 -3.10
N LYS A 96 -16.05 1.14 -2.42
CA LYS A 96 -16.05 2.46 -3.04
C LYS A 96 -14.60 2.91 -3.16
N ALA A 97 -14.13 3.06 -4.39
CA ALA A 97 -12.73 3.34 -4.68
C ALA A 97 -12.61 4.74 -5.27
N TYR A 98 -11.68 5.53 -4.74
CA TYR A 98 -11.52 6.92 -5.18
C TYR A 98 -10.07 7.15 -5.58
N THR A 99 -9.86 7.82 -6.71
CA THR A 99 -8.49 8.14 -7.10
C THR A 99 -8.47 9.42 -7.90
N ILE A 100 -7.33 10.13 -7.84
CA ILE A 100 -7.27 11.44 -8.46
C ILE A 100 -7.06 11.33 -9.96
N GLY A 101 -6.23 10.38 -10.41
CA GLY A 101 -5.91 10.32 -11.83
C GLY A 101 -7.12 9.91 -12.65
N GLY A 102 -7.43 10.71 -13.68
CA GLY A 102 -8.62 10.47 -14.48
C GLY A 102 -8.35 9.64 -15.72
N LYS A 103 -7.11 9.67 -16.19
CA LYS A 103 -6.71 8.84 -17.32
C LYS A 103 -5.24 8.50 -17.15
N GLY A 104 -4.74 7.68 -18.07
CA GLY A 104 -3.34 7.31 -18.05
C GLY A 104 -3.05 6.08 -17.23
N HIS A 105 -1.79 5.98 -16.83
CA HIS A 105 -1.27 4.78 -16.17
C HIS A 105 -1.89 4.55 -14.79
N GLU A 106 -2.29 5.62 -14.10
CA GLU A 106 -2.76 5.57 -12.72
C GLU A 106 -4.28 5.75 -12.60
N ALA A 107 -5.01 5.61 -13.69
CA ALA A 107 -6.46 5.59 -13.60
C ALA A 107 -6.93 4.15 -13.39
N PRO A 108 -8.14 3.95 -12.86
CA PRO A 108 -8.60 2.58 -12.60
C PRO A 108 -8.63 1.74 -13.88
N LYS A 109 -8.11 0.52 -13.78
CA LYS A 109 -8.16 -0.45 -14.87
C LYS A 109 -9.40 -1.31 -14.73
N MET A 110 -10.16 -1.45 -15.80
CA MET A 110 -11.48 -2.07 -15.74
C MET A 110 -11.34 -3.51 -16.22
N VAL A 111 -11.47 -4.46 -15.30
CA VAL A 111 -11.37 -5.88 -15.60
C VAL A 111 -12.51 -6.61 -14.92
N THR A 112 -12.70 -7.88 -15.30
CA THR A 112 -13.76 -8.70 -14.72
C THR A 112 -13.28 -9.57 -13.57
N SER A 113 -12.19 -9.17 -12.92
CA SER A 113 -11.70 -9.91 -11.77
C SER A 113 -12.81 -10.07 -10.73
N LEU A 114 -12.81 -11.21 -10.03
CA LEU A 114 -13.96 -11.67 -9.23
C LEU A 114 -14.46 -10.60 -8.27
N GLY A 115 -15.75 -10.27 -8.37
CA GLY A 115 -16.36 -9.26 -7.52
C GLY A 115 -16.28 -7.85 -8.07
N TRP A 116 -15.76 -7.68 -9.29
CA TRP A 116 -15.71 -6.37 -9.94
C TRP A 116 -17.04 -5.62 -9.86
N ASN A 117 -18.17 -6.34 -9.89
CA ASN A 117 -19.47 -5.69 -9.83
C ASN A 117 -19.75 -5.04 -8.49
N LEU A 118 -19.03 -5.42 -7.43
CA LEU A 118 -19.22 -4.78 -6.13
C LEU A 118 -18.41 -3.50 -5.98
N ILE A 119 -17.66 -3.07 -7.00
CA ILE A 119 -16.78 -1.90 -6.92
C ILE A 119 -17.41 -0.72 -7.63
N LYS A 120 -17.38 0.42 -6.98
CA LYS A 120 -17.74 1.70 -7.58
C LYS A 120 -16.47 2.55 -7.65
N PHE A 121 -15.97 2.78 -8.86
CA PHE A 121 -14.75 3.55 -9.09
C PHE A 121 -15.09 5.01 -9.32
N ARG A 122 -14.48 5.90 -8.54
CA ARG A 122 -14.63 7.33 -8.72
C ARG A 122 -13.26 7.92 -9.00
N ALA A 123 -12.96 8.13 -10.28
CA ALA A 123 -11.71 8.77 -10.65
C ALA A 123 -11.86 10.28 -10.59
N GLY A 124 -10.74 11.00 -10.73
CA GLY A 124 -10.80 12.44 -10.67
C GLY A 124 -11.12 13.03 -9.32
N MET A 125 -11.03 12.25 -8.26
CA MET A 125 -11.38 12.70 -6.91
C MET A 125 -10.12 12.84 -6.06
N ASP A 126 -9.96 14.01 -5.44
CA ASP A 126 -8.94 14.18 -4.40
C ASP A 126 -9.57 13.79 -3.07
N VAL A 127 -9.02 12.76 -2.43
CA VAL A 127 -9.67 12.24 -1.23
C VAL A 127 -9.52 13.18 -0.04
N PHE A 128 -8.58 14.13 -0.11
CA PHE A 128 -8.50 15.11 0.97
C PHE A 128 -9.61 16.15 0.89
N THR A 129 -10.28 16.31 -0.27
CA THR A 129 -11.44 17.18 -0.41
C THR A 129 -12.75 16.52 0.01
N MET A 130 -12.71 15.29 0.51
CA MET A 130 -13.89 14.46 0.66
C MET A 130 -14.27 14.32 2.12
N GLN A 131 -15.54 14.53 2.42
CA GLN A 131 -16.01 14.29 3.78
C GLN A 131 -16.16 12.79 3.99
N PRO A 132 -15.66 12.24 5.10
CA PRO A 132 -15.80 10.79 5.31
C PRO A 132 -17.26 10.38 5.40
N HIS A 133 -17.55 9.20 4.88
CA HIS A 133 -18.86 8.59 5.04
C HIS A 133 -18.68 7.24 5.73
N ARG A 134 -19.78 6.48 5.84
CA ARG A 134 -19.74 5.24 6.60
C ARG A 134 -18.93 4.19 5.87
N ALA A 135 -18.12 3.45 6.62
CA ALA A 135 -17.27 2.40 6.08
C ALA A 135 -16.98 1.42 7.20
N ASP A 136 -16.91 0.13 6.86
CA ASP A 136 -16.48 -0.90 7.79
C ASP A 136 -14.97 -1.14 7.71
N THR A 137 -14.39 -0.95 6.52
CA THR A 137 -12.95 -1.05 6.30
C THR A 137 -12.52 0.17 5.52
N VAL A 138 -11.45 0.80 5.97
CA VAL A 138 -10.88 1.92 5.25
C VAL A 138 -9.46 1.54 4.87
N MET A 139 -9.16 1.60 3.57
CA MET A 139 -7.81 1.34 3.07
C MET A 139 -7.32 2.58 2.36
N CYS A 140 -6.02 2.82 2.46
CA CYS A 140 -5.39 3.97 1.80
C CYS A 140 -3.95 3.63 1.44
N ASP A 141 -3.62 3.66 0.15
CA ASP A 141 -2.29 3.29 -0.30
C ASP A 141 -1.51 4.50 -0.83
N ILE A 142 -1.76 5.67 -0.25
CA ILE A 142 -1.23 6.93 -0.76
C ILE A 142 0.11 7.24 -0.10
N GLY A 143 1.03 7.78 -0.90
CA GLY A 143 2.30 8.25 -0.37
C GLY A 143 3.36 8.18 -1.45
N GLU A 144 3.70 9.32 -2.05
CA GLU A 144 4.62 9.34 -3.18
C GLU A 144 6.06 9.53 -2.68
N SER A 145 6.94 8.61 -3.08
N SER A 145 6.94 8.62 -3.08
CA SER A 145 8.35 8.70 -2.75
CA SER A 145 8.34 8.70 -2.69
C SER A 145 8.91 10.06 -3.14
C SER A 145 8.96 10.02 -3.15
N SER A 146 9.88 10.53 -2.36
CA SER A 146 10.57 11.77 -2.70
C SER A 146 12.00 11.67 -2.22
N PRO A 147 12.96 12.26 -2.94
CA PRO A 147 14.34 12.32 -2.42
C PRO A 147 14.47 13.06 -1.10
N ASP A 148 13.53 13.95 -0.78
CA ASP A 148 13.59 14.76 0.44
C ASP A 148 12.86 14.02 1.56
N ALA A 149 13.61 13.59 2.59
CA ALA A 149 13.01 12.83 3.69
C ALA A 149 11.93 13.63 4.40
N ALA A 150 12.12 14.95 4.55
CA ALA A 150 11.09 15.74 5.23
C ALA A 150 9.79 15.78 4.43
N ILE A 151 9.89 15.82 3.10
CA ILE A 151 8.71 15.77 2.25
C ILE A 151 8.03 14.41 2.37
N GLU A 152 8.81 13.31 2.35
CA GLU A 152 8.20 12.00 2.62
C GLU A 152 7.50 11.99 3.97
N GLY A 153 8.11 12.57 5.00
CA GLY A 153 7.48 12.58 6.32
C GLY A 153 6.16 13.33 6.36
N GLU A 154 6.09 14.47 5.66
CA GLU A 154 4.87 15.28 5.65
C GLU A 154 3.77 14.61 4.83
N ARG A 155 4.11 14.09 3.65
CA ARG A 155 3.15 13.28 2.90
C ARG A 155 2.57 12.16 3.77
N THR A 156 3.41 11.55 4.60
CA THR A 156 2.94 10.46 5.46
C THR A 156 2.02 10.98 6.55
N ARG A 157 2.35 12.13 7.14
CA ARG A 157 1.50 12.69 8.17
C ARG A 157 0.13 13.05 7.61
N LYS A 158 0.08 13.52 6.37
CA LYS A 158 -1.20 13.87 5.75
C LYS A 158 -2.09 12.64 5.60
N VAL A 159 -1.51 11.48 5.30
CA VAL A 159 -2.28 10.25 5.24
C VAL A 159 -2.75 9.83 6.63
N ILE A 160 -1.89 9.94 7.66
CA ILE A 160 -2.33 9.59 9.01
C ILE A 160 -3.49 10.47 9.45
N LEU A 161 -3.42 11.77 9.16
CA LEU A 161 -4.52 12.68 9.50
C LEU A 161 -5.80 12.30 8.77
N LEU A 162 -5.69 11.97 7.49
CA LEU A 162 -6.86 11.49 6.75
C LEU A 162 -7.47 10.25 7.42
N MET A 163 -6.62 9.33 7.88
N MET A 163 -6.63 9.34 7.89
CA MET A 163 -7.13 8.13 8.54
CA MET A 163 -7.14 8.14 8.55
C MET A 163 -7.78 8.49 9.87
C MET A 163 -7.79 8.49 9.87
N GLU A 164 -7.26 9.50 10.57
CA GLU A 164 -7.91 9.98 11.80
C GLU A 164 -9.31 10.49 11.50
N GLN A 165 -9.48 11.20 10.38
CA GLN A 165 -10.78 11.74 10.02
C GLN A 165 -11.79 10.63 9.70
N TRP A 166 -11.37 9.63 8.92
CA TRP A 166 -12.26 8.49 8.68
C TRP A 166 -12.50 7.69 9.94
N LYS A 167 -11.53 7.62 10.85
CA LYS A 167 -11.75 6.90 12.10
C LYS A 167 -12.68 7.65 13.04
N ASN A 168 -12.62 8.98 13.03
CA ASN A 168 -13.60 9.76 13.79
C ASN A 168 -15.00 9.52 13.28
N ARG A 169 -15.16 9.38 11.96
CA ARG A 169 -16.46 9.08 11.39
C ARG A 169 -16.87 7.63 11.68
N ASN A 170 -15.91 6.70 11.67
CA ASN A 170 -16.17 5.26 11.80
C ASN A 170 -15.24 4.69 12.84
N PRO A 171 -15.55 4.86 14.13
CA PRO A 171 -14.59 4.50 15.19
C PRO A 171 -14.25 3.03 15.24
N SER A 172 -15.13 2.14 14.77
CA SER A 172 -14.82 0.72 14.80
C SER A 172 -14.37 0.19 13.43
N ALA A 173 -14.11 1.07 12.48
CA ALA A 173 -13.70 0.59 11.16
C ALA A 173 -12.31 -0.04 11.24
N SER A 174 -12.14 -1.15 10.55
CA SER A 174 -10.81 -1.68 10.31
C SER A 174 -10.04 -0.77 9.35
N CYS A 175 -8.75 -0.55 9.63
CA CYS A 175 -7.94 0.31 8.78
C CYS A 175 -6.69 -0.40 8.32
N VAL A 176 -6.26 -0.08 7.10
CA VAL A 176 -4.97 -0.53 6.57
C VAL A 176 -4.48 0.61 5.69
N PHE A 177 -3.28 1.12 5.96
CA PHE A 177 -2.80 2.22 5.14
C PHE A 177 -1.30 2.22 5.04
N LYS A 178 -0.82 2.72 3.91
CA LYS A 178 0.61 2.91 3.68
C LYS A 178 1.16 3.99 4.61
N VAL A 179 2.31 3.70 5.20
CA VAL A 179 3.08 4.67 5.97
C VAL A 179 4.39 4.83 5.20
N LEU A 180 4.47 5.87 4.37
CA LEU A 180 5.56 5.98 3.40
C LEU A 180 6.91 6.15 4.11
N ALA A 181 6.98 7.03 5.11
CA ALA A 181 8.25 7.35 5.75
C ALA A 181 8.13 7.13 7.26
N PRO A 182 8.02 5.86 7.67
CA PRO A 182 7.88 5.57 9.10
C PRO A 182 9.14 5.86 9.90
N TYR A 183 10.27 6.13 9.21
CA TYR A 183 11.53 6.46 9.87
C TYR A 183 11.58 7.89 10.39
N ARG A 184 10.60 8.74 10.05
CA ARG A 184 10.69 10.13 10.51
C ARG A 184 10.12 10.26 11.92
N PRO A 185 10.80 10.98 12.83
CA PRO A 185 10.28 11.12 14.20
C PRO A 185 8.88 11.72 14.25
N GLU A 186 8.58 12.68 13.38
CA GLU A 186 7.26 13.29 13.36
C GLU A 186 6.19 12.29 12.91
N VAL A 187 6.56 11.31 12.09
CA VAL A 187 5.61 10.28 11.67
C VAL A 187 5.39 9.28 12.80
N ILE A 188 6.47 8.90 13.49
CA ILE A 188 6.35 7.97 14.60
C ILE A 188 5.44 8.53 15.68
N GLU A 189 5.58 9.83 15.98
CA GLU A 189 4.72 10.44 16.98
C GLU A 189 3.26 10.47 16.54
N ALA A 190 2.99 10.84 15.29
CA ALA A 190 1.61 10.81 14.79
C ALA A 190 1.07 9.38 14.77
N LEU A 191 1.90 8.43 14.37
CA LEU A 191 1.45 7.03 14.29
C LEU A 191 1.28 6.42 15.67
N HIS A 192 2.11 6.80 16.64
CA HIS A 192 1.96 6.27 17.99
C HIS A 192 0.66 6.75 18.62
N ARG A 193 0.29 8.02 18.36
CA ARG A 193 -1.00 8.52 18.85
C ARG A 193 -2.17 7.83 18.17
N PHE A 194 -2.08 7.58 16.85
CA PHE A 194 -3.07 6.73 16.18
C PHE A 194 -3.16 5.37 16.86
N GLN A 195 -2.00 4.76 17.14
CA GLN A 195 -1.98 3.43 17.73
C GLN A 195 -2.59 3.43 19.13
N LEU A 196 -2.38 4.51 19.88
CA LEU A 196 -2.89 4.54 21.24
C LEU A 196 -4.39 4.81 21.30
N GLN A 197 -4.96 5.40 20.24
CA GLN A 197 -6.41 5.59 20.18
C GLN A 197 -7.13 4.35 19.64
N TRP A 198 -6.60 3.78 18.55
CA TRP A 198 -7.32 2.79 17.75
C TRP A 198 -6.70 1.40 17.79
N GLY A 199 -5.52 1.24 18.37
CA GLY A 199 -4.80 -0.02 18.31
C GLY A 199 -4.12 -0.17 16.96
N GLY A 200 -3.43 -1.28 16.80
CA GLY A 200 -2.81 -1.64 15.53
C GLY A 200 -1.30 -1.71 15.62
N GLY A 201 -0.68 -1.84 14.46
CA GLY A 201 0.77 -1.96 14.37
C GLY A 201 1.23 -1.85 12.93
N LEU A 202 2.54 -1.95 12.75
CA LEU A 202 3.22 -1.64 11.48
C LEU A 202 3.90 -2.89 10.96
N VAL A 203 3.81 -3.16 9.65
CA VAL A 203 4.51 -4.29 9.06
C VAL A 203 5.13 -3.89 7.72
N ARG A 204 6.19 -4.60 7.35
CA ARG A 204 6.80 -4.47 6.03
C ARG A 204 6.38 -5.63 5.15
N THR A 205 5.86 -5.33 3.90
CA THR A 205 5.60 -6.43 3.00
C THR A 205 6.88 -6.78 2.23
N PRO A 206 7.04 -8.05 1.83
CA PRO A 206 8.26 -8.46 1.11
C PRO A 206 8.29 -8.04 -0.35
N PHE A 207 7.18 -7.55 -0.89
CA PHE A 207 7.12 -7.03 -2.25
C PHE A 207 7.57 -5.58 -2.35
N SER A 208 7.81 -4.89 -1.24
CA SER A 208 8.25 -3.50 -1.32
C SER A 208 9.71 -3.40 -1.74
N ARG A 209 9.99 -2.57 -2.74
CA ARG A 209 11.37 -2.36 -3.19
C ARG A 209 12.20 -1.74 -2.08
N ASN A 210 13.52 -1.95 -2.15
CA ASN A 210 14.39 -1.34 -1.15
C ASN A 210 14.49 0.17 -1.32
N SER A 211 14.06 0.71 -2.46
CA SER A 211 14.10 2.14 -2.71
C SER A 211 12.98 2.90 -2.01
N THR A 212 12.16 2.20 -1.23
CA THR A 212 11.15 2.86 -0.41
C THR A 212 11.17 2.23 0.98
N HIS A 213 11.01 3.06 1.99
CA HIS A 213 10.93 2.63 3.38
C HIS A 213 9.49 2.34 3.80
N GLU A 214 8.55 2.31 2.85
CA GLU A 214 7.14 2.19 3.15
C GLU A 214 6.86 1.00 4.07
N MET A 215 5.97 1.21 5.04
CA MET A 215 5.41 0.10 5.80
C MET A 215 3.91 0.31 5.89
N TYR A 216 3.19 -0.75 6.23
CA TYR A 216 1.73 -0.73 6.23
C TYR A 216 1.20 -0.84 7.65
N TYR A 217 0.37 0.11 8.04
CA TYR A 217 -0.27 0.10 9.33
C TYR A 217 -1.61 -0.61 9.20
N SER A 218 -1.92 -1.48 10.16
CA SER A 218 -3.24 -2.10 10.21
C SER A 218 -3.74 -2.11 11.63
N THR A 219 -5.03 -1.84 11.81
CA THR A 219 -5.62 -1.96 13.14
C THR A 219 -5.70 -3.40 13.64
N ALA A 220 -5.50 -4.41 12.79
CA ALA A 220 -5.70 -5.79 13.21
C ALA A 220 -4.47 -6.43 13.86
N ILE A 221 -3.33 -5.73 13.88
CA ILE A 221 -2.11 -6.30 14.45
C ILE A 221 -1.63 -5.47 15.64
N SER A 222 -0.44 -5.79 16.16
CA SER A 222 0.09 -5.05 17.29
C SER A 222 1.61 -5.11 17.24
N GLY A 223 2.25 -4.40 18.17
CA GLY A 223 3.70 -4.42 18.26
C GLY A 223 4.26 -3.02 18.41
N ASN A 224 5.45 -2.92 18.97
CA ASN A 224 6.08 -1.63 19.19
C ASN A 224 6.46 -0.99 17.86
N ILE A 225 6.04 0.26 17.65
CA ILE A 225 6.25 0.92 16.34
C ILE A 225 7.73 1.20 16.13
N VAL A 226 8.39 1.75 17.15
CA VAL A 226 9.79 2.13 17.01
C VAL A 226 10.66 0.91 16.76
N ASN A 227 10.36 -0.21 17.41
CA ASN A 227 11.10 -1.44 17.16
C ASN A 227 10.86 -1.98 15.75
N SER A 228 9.60 -2.00 15.29
CA SER A 228 9.36 -2.43 13.92
C SER A 228 10.12 -1.58 12.92
N VAL A 229 10.16 -0.26 13.14
CA VAL A 229 10.81 0.63 12.19
C VAL A 229 12.32 0.40 12.19
N ASN A 230 12.92 0.32 13.39
CA ASN A 230 14.37 0.12 13.49
C ASN A 230 14.82 -1.16 12.80
N VAL A 231 14.09 -2.26 13.02
CA VAL A 231 14.42 -3.51 12.34
C VAL A 231 14.46 -3.32 10.83
N GLN A 232 13.48 -2.59 10.29
N GLN A 232 13.47 -2.60 10.29
CA GLN A 232 13.44 -2.46 8.83
CA GLN A 232 13.38 -2.39 8.85
C GLN A 232 14.49 -1.49 8.31
C GLN A 232 14.50 -1.51 8.34
N SER A 233 14.77 -0.40 9.03
CA SER A 233 15.84 0.51 8.58
C SER A 233 17.18 -0.22 8.57
N ARG A 234 17.46 -1.02 9.59
CA ARG A 234 18.69 -1.81 9.61
C ARG A 234 18.77 -2.73 8.40
N LYS A 235 17.68 -3.43 8.10
CA LYS A 235 17.70 -4.33 6.94
C LYS A 235 17.91 -3.55 5.65
N LEU A 236 17.23 -2.42 5.49
CA LEU A 236 17.39 -1.60 4.28
C LEU A 236 18.82 -1.12 4.13
N LEU A 237 19.45 -0.75 5.25
CA LEU A 237 20.84 -0.32 5.21
C LEU A 237 21.77 -1.48 4.89
N ALA A 238 21.52 -2.65 5.48
CA ALA A 238 22.33 -3.82 5.18
C ALA A 238 22.30 -4.18 3.70
N ARG A 239 21.16 -3.96 3.05
CA ARG A 239 21.03 -4.43 1.67
C ARG A 239 21.86 -3.63 0.68
N PHE A 240 22.38 -2.45 1.07
CA PHE A 240 23.34 -1.78 0.21
C PHE A 240 24.55 -2.69 0.03
N GLY A 241 24.89 -2.95 -1.23
CA GLY A 241 25.94 -3.90 -1.54
C GLY A 241 25.47 -5.32 -1.78
N ASP A 242 24.38 -5.74 -1.14
CA ASP A 242 23.78 -7.05 -1.41
C ASP A 242 23.60 -7.25 -2.92
N GLN A 243 24.09 -8.40 -3.41
CA GLN A 243 24.09 -8.66 -4.84
C GLN A 243 23.06 -9.69 -5.28
N ARG A 244 22.39 -10.36 -4.35
CA ARG A 244 21.26 -11.22 -4.71
C ARG A 244 20.22 -10.41 -5.49
N GLY A 245 19.64 -11.02 -6.50
CA GLY A 245 18.66 -10.33 -7.31
C GLY A 245 17.28 -10.34 -6.67
N PRO A 246 16.26 -9.95 -7.43
CA PRO A 246 14.88 -10.18 -6.99
C PRO A 246 14.53 -11.66 -7.05
N ILE A 247 13.54 -12.04 -6.25
CA ILE A 247 13.01 -13.41 -6.24
C ILE A 247 11.67 -13.39 -6.96
N ARG A 248 11.59 -14.03 -8.13
CA ARG A 248 10.36 -14.02 -8.91
C ARG A 248 9.34 -14.99 -8.31
N VAL A 249 8.09 -14.52 -8.18
CA VAL A 249 7.00 -15.37 -7.70
C VAL A 249 5.81 -15.18 -8.64
N PRO A 250 4.85 -16.11 -8.63
CA PRO A 250 3.69 -15.96 -9.50
C PRO A 250 2.87 -14.73 -9.14
N GLU A 251 2.28 -14.12 -10.16
CA GLU A 251 1.37 -13.01 -9.94
C GLU A 251 0.03 -13.53 -9.43
N MET A 252 -0.68 -12.67 -8.71
CA MET A 252 -2.01 -13.04 -8.19
C MET A 252 -3.00 -13.23 -9.34
N ASP A 253 -3.79 -14.30 -9.24
CA ASP A 253 -4.92 -14.52 -10.11
C ASP A 253 -6.15 -14.74 -9.23
N LEU A 254 -7.04 -13.76 -9.17
CA LEU A 254 -8.24 -13.87 -8.35
C LEU A 254 -9.41 -14.56 -9.06
N GLY A 255 -9.23 -14.99 -10.31
CA GLY A 255 -10.34 -15.48 -11.09
C GLY A 255 -11.27 -14.34 -11.52
N VAL A 256 -12.32 -14.70 -12.25
CA VAL A 256 -13.24 -13.73 -12.84
C VAL A 256 -14.67 -14.09 -12.45
N GLY A 257 -15.56 -13.11 -12.54
CA GLY A 257 -16.96 -13.35 -12.27
C GLY A 257 -17.58 -12.29 -11.38
N THR A 258 -18.91 -12.29 -11.29
CA THR A 258 -19.62 -11.41 -10.38
C THR A 258 -19.78 -12.08 -9.03
N ARG A 259 -20.15 -11.28 -8.02
CA ARG A 259 -20.48 -11.86 -6.72
C ARG A 259 -21.92 -11.52 -6.36
#